data_6XI4
#
_entry.id   6XI4
#
_cell.length_a   52.616
_cell.length_b   84.507
_cell.length_c   116.673
_cell.angle_alpha   90.000
_cell.angle_beta   90.000
_cell.angle_gamma   90.000
#
_symmetry.space_group_name_H-M   'P 2 21 21'
#
loop_
_entity.id
_entity.type
_entity.pdbx_description
1 polymer 'Probable bifunctional dTTP/UTP pyrophosphatase/methyltransferase protein'
2 non-polymer 'CHLORIDE ION'
3 non-polymer 'SULFATE ION'
4 water water
#
_entity_poly.entity_id   1
_entity_poly.type   'polypeptide(L)'
_entity_poly.pdbx_seq_one_letter_code
;LLHKRVVLASASPRRQEILSNAGLRFEVVPSKFKEKLDKASFATPYGYAMETAKQKALEVANRLYQKDLRAPDVVIGADT
IVTVGGLILEKPVDKQDAYRMLSRLSGREHSVFTGVAIVHCSSKDHQLDTRVSEFYEETKVKFSELSEELLWEYVHSGEP
MDKAGGYGIQALGGMLVESVHGDFLNVVGFPLNHFCKQLVKLYYPPRPEDLRRSVKHDSIPAADTFEDLS
;
_entity_poly.pdbx_strand_id   A,B
#
loop_
_chem_comp.id
_chem_comp.type
_chem_comp.name
_chem_comp.formula
CL non-polymer 'CHLORIDE ION' 'Cl -1'
SO4 non-polymer 'SULFATE ION' 'O4 S -2'
#
# COMPACT_ATOMS: atom_id res chain seq x y z
N LEU A 1 -12.90 11.09 -21.12
CA LEU A 1 -13.81 11.18 -19.98
C LEU A 1 -13.90 12.61 -19.50
N LEU A 2 -13.18 13.49 -20.19
CA LEU A 2 -13.19 14.94 -19.97
C LEU A 2 -14.51 15.66 -19.76
N HIS A 3 -15.39 15.56 -20.75
CA HIS A 3 -16.69 16.21 -20.71
C HIS A 3 -17.83 15.22 -20.47
N LYS A 4 -17.54 14.00 -20.05
CA LYS A 4 -18.54 12.96 -19.91
C LYS A 4 -18.98 12.80 -18.46
N ARG A 5 -20.21 12.35 -18.28
CA ARG A 5 -20.75 12.08 -16.96
C ARG A 5 -20.33 10.67 -16.53
N VAL A 6 -19.40 10.60 -15.58
CA VAL A 6 -18.88 9.34 -15.08
C VAL A 6 -19.62 8.97 -13.80
N VAL A 7 -20.10 7.73 -13.74
CA VAL A 7 -20.77 7.21 -12.56
C VAL A 7 -20.00 5.98 -12.08
N LEU A 8 -19.64 5.97 -10.80
CA LEU A 8 -18.99 4.82 -10.19
C LEU A 8 -20.03 4.07 -9.36
N ALA A 9 -20.26 2.81 -9.71
CA ALA A 9 -21.30 2.00 -9.10
C ALA A 9 -20.80 1.21 -7.89
N SER A 10 -20.11 1.87 -6.97
CA SER A 10 -19.59 1.22 -5.78
C SER A 10 -19.52 2.20 -4.62
N ALA A 11 -19.96 1.76 -3.45
CA ALA A 11 -19.91 2.56 -2.24
C ALA A 11 -18.60 2.39 -1.47
N SER A 12 -17.62 1.71 -2.05
CA SER A 12 -16.35 1.47 -1.36
C SER A 12 -15.55 2.76 -1.30
N PRO A 13 -15.26 3.29 -0.10
CA PRO A 13 -14.51 4.56 -0.04
C PRO A 13 -13.09 4.46 -0.57
N ARG A 14 -12.43 3.30 -0.42
CA ARG A 14 -11.08 3.16 -0.95
C ARG A 14 -11.07 3.22 -2.47
N ARG A 15 -12.12 2.69 -3.13
CA ARG A 15 -12.23 2.83 -4.58
C ARG A 15 -12.40 4.28 -4.98
N GLN A 16 -13.32 4.99 -4.34
CA GLN A 16 -13.52 6.41 -4.64
C GLN A 16 -12.24 7.20 -4.41
N GLU A 17 -11.52 6.90 -3.32
CA GLU A 17 -10.29 7.60 -3.01
C GLU A 17 -9.25 7.39 -4.11
N ILE A 18 -9.09 6.16 -4.57
CA ILE A 18 -8.14 5.88 -5.65
C ILE A 18 -8.49 6.69 -6.89
N LEU A 19 -9.76 6.68 -7.28
CA LEU A 19 -10.17 7.40 -8.47
C LEU A 19 -10.20 8.91 -8.24
N SER A 20 -10.50 9.35 -7.02
CA SER A 20 -10.44 10.78 -6.72
C SER A 20 -9.01 11.29 -6.76
N ASN A 21 -8.06 10.52 -6.21
CA ASN A 21 -6.67 10.94 -6.23
C ASN A 21 -6.11 10.98 -7.64
N ALA A 22 -6.61 10.12 -8.53
CA ALA A 22 -6.15 10.11 -9.91
C ALA A 22 -6.69 11.29 -10.71
N GLY A 23 -7.62 12.07 -10.17
CA GLY A 23 -8.15 13.23 -10.84
C GLY A 23 -9.50 13.02 -11.48
N LEU A 24 -10.04 11.81 -11.44
CA LEU A 24 -11.33 11.52 -12.04
C LEU A 24 -12.46 12.07 -11.17
N ARG A 25 -13.35 12.78 -11.83
CA ARG A 25 -14.53 13.38 -11.24
C ARG A 25 -15.68 12.45 -11.56
N PHE A 26 -16.48 12.07 -10.58
CA PHE A 26 -17.49 11.06 -10.84
C PHE A 26 -18.61 11.17 -9.81
N GLU A 27 -19.76 10.58 -10.15
CA GLU A 27 -20.84 10.41 -9.19
C GLU A 27 -20.76 9.03 -8.57
N VAL A 28 -21.15 8.94 -7.31
CA VAL A 28 -21.19 7.67 -6.58
C VAL A 28 -22.64 7.23 -6.49
N VAL A 29 -22.97 6.14 -7.17
CA VAL A 29 -24.30 5.55 -7.08
C VAL A 29 -24.14 4.07 -6.76
N PRO A 30 -24.28 3.66 -5.49
CA PRO A 30 -24.11 2.25 -5.16
C PRO A 30 -25.14 1.38 -5.86
N SER A 31 -24.71 0.17 -6.25
CA SER A 31 -25.60 -0.74 -6.95
C SER A 31 -26.46 -1.51 -5.96
N LYS A 32 -27.66 -1.88 -6.42
CA LYS A 32 -28.55 -2.74 -5.67
C LYS A 32 -28.46 -4.19 -6.09
N PHE A 33 -27.53 -4.51 -7.00
CA PHE A 33 -27.29 -5.90 -7.37
C PHE A 33 -26.58 -6.63 -6.23
N LYS A 34 -27.18 -7.71 -5.75
CA LYS A 34 -26.60 -8.49 -4.67
C LYS A 34 -25.94 -9.74 -5.25
N GLU A 35 -24.68 -9.95 -4.87
CA GLU A 35 -23.77 -10.85 -5.58
C GLU A 35 -24.03 -12.30 -5.19
N LYS A 36 -25.14 -12.84 -5.71
CA LYS A 36 -25.50 -14.24 -5.54
C LYS A 36 -25.29 -15.03 -6.82
N LEU A 37 -24.39 -14.58 -7.68
CA LEU A 37 -24.04 -15.34 -8.87
C LEU A 37 -23.34 -16.63 -8.47
N ASP A 38 -23.72 -17.72 -9.11
CA ASP A 38 -23.14 -19.03 -8.81
C ASP A 38 -21.67 -19.02 -9.20
N LYS A 39 -20.79 -19.13 -8.19
CA LYS A 39 -19.35 -19.11 -8.46
C LYS A 39 -18.92 -20.34 -9.26
N ALA A 40 -19.60 -21.47 -9.08
CA ALA A 40 -19.26 -22.68 -9.82
C ALA A 40 -19.60 -22.58 -11.30
N SER A 41 -20.34 -21.56 -11.72
CA SER A 41 -20.74 -21.42 -13.12
C SER A 41 -19.69 -20.70 -13.95
N PHE A 42 -18.54 -20.35 -13.38
CA PHE A 42 -17.49 -19.67 -14.11
C PHE A 42 -16.24 -20.54 -14.15
N ALA A 43 -15.50 -20.43 -15.26
CA ALA A 43 -14.28 -21.21 -15.43
C ALA A 43 -13.13 -20.68 -14.59
N THR A 44 -13.08 -19.37 -14.35
CA THR A 44 -11.99 -18.74 -13.62
C THR A 44 -12.54 -17.80 -12.57
N PRO A 45 -11.77 -17.54 -11.50
CA PRO A 45 -12.21 -16.55 -10.52
C PRO A 45 -12.40 -15.15 -11.09
N TYR A 46 -11.48 -14.72 -11.96
CA TYR A 46 -11.61 -13.37 -12.52
C TYR A 46 -12.78 -13.27 -13.49
N GLY A 47 -13.25 -14.40 -14.03
CA GLY A 47 -14.49 -14.38 -14.79
C GLY A 47 -15.69 -14.05 -13.91
N TYR A 48 -15.74 -14.67 -12.73
CA TYR A 48 -16.82 -14.36 -11.78
C TYR A 48 -16.71 -12.91 -11.30
N ALA A 49 -15.49 -12.41 -11.12
CA ALA A 49 -15.32 -11.04 -10.66
C ALA A 49 -15.74 -10.04 -11.74
N MET A 50 -15.36 -10.29 -12.99
CA MET A 50 -15.71 -9.36 -14.07
C MET A 50 -17.21 -9.34 -14.32
N GLU A 51 -17.85 -10.52 -14.32
CA GLU A 51 -19.29 -10.57 -14.56
C GLU A 51 -20.06 -9.89 -13.43
N THR A 52 -19.60 -10.06 -12.19
CA THR A 52 -20.24 -9.36 -11.07
C THR A 52 -20.12 -7.84 -11.23
N ALA A 53 -18.93 -7.37 -11.61
CA ALA A 53 -18.75 -5.94 -11.88
C ALA A 53 -19.68 -5.47 -13.00
N LYS A 54 -19.83 -6.31 -14.04
CA LYS A 54 -20.71 -5.96 -15.14
C LYS A 54 -22.14 -5.79 -14.67
N GLN A 55 -22.63 -6.74 -13.86
CA GLN A 55 -24.02 -6.70 -13.42
C GLN A 55 -24.27 -5.52 -12.48
N LYS A 56 -23.29 -5.17 -11.65
CA LYS A 56 -23.46 -4.04 -10.74
C LYS A 56 -23.52 -2.73 -11.51
N ALA A 57 -22.69 -2.58 -12.55
CA ALA A 57 -22.72 -1.38 -13.36
C ALA A 57 -23.98 -1.31 -14.20
N LEU A 58 -24.43 -2.44 -14.74
CA LEU A 58 -25.62 -2.46 -15.58
C LEU A 58 -26.87 -2.14 -14.77
N GLU A 59 -26.96 -2.67 -13.54
CA GLU A 59 -28.09 -2.37 -12.68
C GLU A 59 -28.16 -0.88 -12.38
N VAL A 60 -27.01 -0.25 -12.12
CA VAL A 60 -26.98 1.17 -11.85
C VAL A 60 -27.33 1.95 -13.12
N ALA A 61 -26.76 1.55 -14.26
CA ALA A 61 -27.01 2.27 -15.50
C ALA A 61 -28.49 2.23 -15.88
N ASN A 62 -29.13 1.08 -15.72
CA ASN A 62 -30.55 0.97 -16.07
C ASN A 62 -31.44 1.68 -15.07
N ARG A 63 -31.11 1.59 -13.78
CA ARG A 63 -31.90 2.28 -12.77
C ARG A 63 -31.88 3.79 -12.99
N LEU A 64 -30.72 4.33 -13.38
CA LEU A 64 -30.61 5.76 -13.61
C LEU A 64 -31.42 6.20 -14.83
N TYR A 65 -31.28 5.47 -15.94
CA TYR A 65 -32.04 5.82 -17.14
C TYR A 65 -33.54 5.71 -16.89
N GLN A 66 -33.97 4.65 -16.19
CA GLN A 66 -35.37 4.49 -15.88
C GLN A 66 -35.90 5.58 -14.95
N LYS A 67 -35.02 6.22 -14.18
CA LYS A 67 -35.46 7.20 -13.20
C LYS A 67 -35.78 8.55 -13.82
N ASP A 68 -34.89 9.08 -14.65
CA ASP A 68 -35.08 10.42 -15.22
C ASP A 68 -34.71 10.49 -16.70
N LEU A 69 -34.75 9.36 -17.41
CA LEU A 69 -34.66 9.33 -18.87
C LEU A 69 -33.37 9.93 -19.40
N ARG A 70 -32.29 9.89 -18.62
CA ARG A 70 -30.99 10.33 -19.08
C ARG A 70 -30.00 9.17 -18.98
N ALA A 71 -29.26 8.93 -20.06
CA ALA A 71 -28.30 7.86 -20.11
C ALA A 71 -26.96 8.37 -19.61
N PRO A 72 -26.45 7.89 -18.47
CA PRO A 72 -25.13 8.32 -18.02
C PRO A 72 -24.06 7.88 -19.02
N ASP A 73 -23.12 8.78 -19.29
CA ASP A 73 -22.13 8.50 -20.33
C ASP A 73 -21.34 7.24 -20.02
N VAL A 74 -20.80 7.12 -18.81
CA VAL A 74 -19.99 5.97 -18.42
C VAL A 74 -20.42 5.52 -17.02
N VAL A 75 -20.61 4.22 -16.84
CA VAL A 75 -20.85 3.62 -15.54
C VAL A 75 -19.74 2.60 -15.29
N ILE A 76 -19.04 2.75 -14.18
CA ILE A 76 -17.88 1.91 -13.85
C ILE A 76 -18.29 0.97 -12.72
N GLY A 77 -18.17 -0.33 -12.97
CA GLY A 77 -18.41 -1.33 -11.95
C GLY A 77 -17.12 -2.05 -11.57
N ALA A 78 -17.08 -2.62 -10.37
CA ALA A 78 -15.86 -3.28 -9.92
C ALA A 78 -16.22 -4.28 -8.83
N ASP A 79 -15.49 -5.40 -8.81
CA ASP A 79 -15.67 -6.43 -7.79
C ASP A 79 -14.31 -7.03 -7.45
N THR A 80 -13.95 -6.98 -6.17
CA THR A 80 -12.67 -7.50 -5.69
C THR A 80 -12.90 -8.78 -4.91
N ILE A 81 -12.22 -9.85 -5.29
CA ILE A 81 -12.33 -11.14 -4.64
C ILE A 81 -10.93 -11.64 -4.30
N VAL A 82 -10.89 -12.64 -3.42
CA VAL A 82 -9.66 -13.29 -3.00
C VAL A 82 -9.80 -14.79 -3.27
N THR A 83 -8.74 -15.39 -3.81
CA THR A 83 -8.69 -16.83 -4.04
C THR A 83 -7.48 -17.40 -3.31
N VAL A 84 -7.72 -18.38 -2.45
CA VAL A 84 -6.67 -19.17 -1.82
C VAL A 84 -7.05 -20.64 -1.94
N GLY A 85 -6.14 -21.45 -2.45
CA GLY A 85 -6.41 -22.86 -2.65
C GLY A 85 -7.61 -23.13 -3.54
N GLY A 86 -7.84 -22.28 -4.54
CA GLY A 86 -8.97 -22.43 -5.44
C GLY A 86 -10.30 -21.95 -4.91
N LEU A 87 -10.40 -21.68 -3.62
CA LEU A 87 -11.65 -21.21 -3.03
C LEU A 87 -11.81 -19.71 -3.22
N ILE A 88 -13.05 -19.26 -3.37
CA ILE A 88 -13.37 -17.85 -3.54
C ILE A 88 -13.79 -17.29 -2.19
N LEU A 89 -13.14 -16.21 -1.78
CA LEU A 89 -13.52 -15.48 -0.57
C LEU A 89 -13.91 -14.07 -0.94
N GLU A 90 -15.07 -13.62 -0.44
CA GLU A 90 -15.57 -12.28 -0.65
C GLU A 90 -15.50 -11.52 0.69
N LYS A 91 -16.37 -10.54 0.86
CA LYS A 91 -16.31 -9.81 2.13
C LYS A 91 -17.06 -10.57 3.22
N PRO A 92 -16.53 -10.58 4.44
CA PRO A 92 -17.12 -11.42 5.50
C PRO A 92 -18.53 -10.98 5.86
N VAL A 93 -19.35 -11.96 6.23
CA VAL A 93 -20.70 -11.66 6.71
C VAL A 93 -20.69 -11.29 8.20
N ASP A 94 -19.63 -11.66 8.91
CA ASP A 94 -19.46 -11.30 10.32
C ASP A 94 -18.00 -11.56 10.70
N LYS A 95 -17.74 -11.87 11.96
CA LYS A 95 -16.38 -12.15 12.38
C LYS A 95 -16.04 -13.63 12.27
N GLN A 96 -16.99 -14.52 12.57
CA GLN A 96 -16.76 -15.95 12.40
C GLN A 96 -16.39 -16.27 10.96
N ASP A 97 -16.83 -15.42 10.02
CA ASP A 97 -16.34 -15.49 8.66
C ASP A 97 -14.95 -14.88 8.54
N ALA A 98 -14.77 -13.67 9.09
CA ALA A 98 -13.48 -12.99 8.95
C ALA A 98 -12.35 -13.78 9.58
N TYR A 99 -12.60 -14.37 10.75
CA TYR A 99 -11.56 -15.15 11.42
C TYR A 99 -11.22 -16.40 10.61
N ARG A 100 -12.23 -17.15 10.19
CA ARG A 100 -11.97 -18.34 9.38
C ARG A 100 -11.37 -17.97 8.03
N MET A 101 -11.69 -16.77 7.52
CA MET A 101 -11.05 -16.29 6.30
C MET A 101 -9.55 -16.10 6.52
N LEU A 102 -9.20 -15.30 7.54
CA LEU A 102 -7.79 -15.10 7.85
C LEU A 102 -7.13 -16.38 8.34
N SER A 103 -7.90 -17.28 8.95
CA SER A 103 -7.36 -18.59 9.31
C SER A 103 -6.90 -19.34 8.07
N ARG A 104 -7.67 -19.25 6.98
CA ARG A 104 -7.30 -19.90 5.74
C ARG A 104 -6.15 -19.19 5.04
N LEU A 105 -6.08 -17.86 5.14
CA LEU A 105 -5.03 -17.12 4.45
C LEU A 105 -3.70 -17.12 5.21
N SER A 106 -3.71 -17.52 6.48
CA SER A 106 -2.51 -17.44 7.31
C SER A 106 -1.39 -18.31 6.73
N GLY A 107 -0.23 -17.70 6.51
CA GLY A 107 0.95 -18.42 6.09
C GLY A 107 0.97 -18.91 4.67
N ARG A 108 0.07 -18.43 3.82
CA ARG A 108 0.01 -18.83 2.42
C ARG A 108 0.08 -17.61 1.52
N GLU A 109 0.29 -17.86 0.23
CA GLU A 109 0.18 -16.84 -0.80
C GLU A 109 -1.15 -17.02 -1.51
N HIS A 110 -1.92 -15.94 -1.58
CA HIS A 110 -3.23 -15.96 -2.22
C HIS A 110 -3.28 -14.88 -3.32
N SER A 111 -4.30 -14.98 -4.15
CA SER A 111 -4.49 -14.06 -5.27
C SER A 111 -5.65 -13.11 -4.98
N VAL A 112 -5.47 -11.85 -5.35
CA VAL A 112 -6.52 -10.85 -5.31
C VAL A 112 -6.87 -10.47 -6.75
N PHE A 113 -8.12 -10.68 -7.12
CA PHE A 113 -8.64 -10.29 -8.43
C PHE A 113 -9.61 -9.13 -8.28
N THR A 114 -9.45 -8.10 -9.11
CA THR A 114 -10.49 -7.08 -9.27
C THR A 114 -10.94 -7.10 -10.72
N GLY A 115 -12.19 -7.47 -10.95
CA GLY A 115 -12.81 -7.32 -12.25
C GLY A 115 -13.45 -5.95 -12.37
N VAL A 116 -13.25 -5.31 -13.52
CA VAL A 116 -13.76 -3.97 -13.78
C VAL A 116 -14.60 -3.99 -15.04
N ALA A 117 -15.73 -3.30 -15.01
CA ALA A 117 -16.61 -3.15 -16.17
C ALA A 117 -16.76 -1.68 -16.48
N ILE A 118 -16.38 -1.29 -17.69
CA ILE A 118 -16.58 0.07 -18.19
C ILE A 118 -17.78 0.01 -19.14
N VAL A 119 -18.88 0.62 -18.73
CA VAL A 119 -20.14 0.58 -19.48
C VAL A 119 -20.37 1.95 -20.09
N HIS A 120 -20.27 2.03 -21.42
CA HIS A 120 -20.64 3.22 -22.17
C HIS A 120 -22.14 3.14 -22.49
N CYS A 121 -22.88 4.18 -22.15
CA CYS A 121 -24.32 4.17 -22.35
C CYS A 121 -24.72 5.23 -23.36
N SER A 122 -25.86 4.97 -24.02
CA SER A 122 -26.54 5.94 -24.85
C SER A 122 -28.00 5.51 -24.94
N SER A 123 -28.86 6.44 -25.30
CA SER A 123 -30.29 6.20 -25.41
C SER A 123 -30.70 6.22 -26.88
N LYS A 124 -31.38 5.17 -27.32
CA LYS A 124 -31.85 5.08 -28.70
C LYS A 124 -33.19 4.36 -28.71
N ASP A 125 -34.21 5.00 -29.28
CA ASP A 125 -35.55 4.43 -29.43
C ASP A 125 -36.14 4.04 -28.08
N HIS A 126 -36.04 4.96 -27.11
CA HIS A 126 -36.59 4.78 -25.78
C HIS A 126 -35.99 3.57 -25.06
N GLN A 127 -34.76 3.21 -25.44
CA GLN A 127 -34.05 2.11 -24.82
C GLN A 127 -32.63 2.56 -24.49
N LEU A 128 -32.11 2.03 -23.38
CA LEU A 128 -30.73 2.26 -23.00
C LEU A 128 -29.85 1.20 -23.66
N ASP A 129 -28.99 1.63 -24.56
CA ASP A 129 -28.04 0.73 -25.19
C ASP A 129 -26.67 0.87 -24.52
N THR A 130 -26.03 -0.27 -24.28
CA THR A 130 -24.84 -0.33 -23.46
C THR A 130 -23.71 -1.04 -24.20
N ARG A 131 -22.53 -0.45 -24.16
CA ARG A 131 -21.30 -1.08 -24.63
C ARG A 131 -20.41 -1.32 -23.42
N VAL A 132 -20.12 -2.60 -23.15
CA VAL A 132 -19.40 -3.02 -21.95
C VAL A 132 -18.00 -3.46 -22.36
N SER A 133 -16.99 -2.95 -21.66
CA SER A 133 -15.61 -3.41 -21.80
C SER A 133 -15.14 -3.91 -20.44
N GLU A 134 -14.79 -5.19 -20.37
CA GLU A 134 -14.43 -5.83 -19.12
C GLU A 134 -12.92 -6.08 -19.08
N PHE A 135 -12.34 -5.98 -17.89
CA PHE A 135 -10.96 -6.40 -17.68
C PHE A 135 -10.77 -6.73 -16.21
N TYR A 136 -9.65 -7.37 -15.90
CA TYR A 136 -9.35 -7.74 -14.53
C TYR A 136 -7.87 -7.52 -14.27
N GLU A 137 -7.51 -7.56 -12.99
CA GLU A 137 -6.12 -7.47 -12.55
C GLU A 137 -5.91 -8.42 -11.40
N GLU A 138 -4.78 -9.12 -11.42
CA GLU A 138 -4.44 -10.08 -10.38
C GLU A 138 -3.20 -9.61 -9.63
N THR A 139 -3.25 -9.70 -8.30
CA THR A 139 -2.11 -9.42 -7.45
C THR A 139 -1.97 -10.54 -6.43
N LYS A 140 -0.76 -11.08 -6.30
CA LYS A 140 -0.48 -12.11 -5.31
C LYS A 140 -0.06 -11.46 -4.00
N VAL A 141 -0.63 -11.95 -2.89
CA VAL A 141 -0.35 -11.44 -1.56
C VAL A 141 0.02 -12.63 -0.67
N LYS A 142 1.05 -12.45 0.15
CA LYS A 142 1.52 -13.49 1.05
C LYS A 142 1.29 -13.07 2.50
N PHE A 143 0.59 -13.90 3.25
CA PHE A 143 0.38 -13.68 4.67
C PHE A 143 1.50 -14.34 5.47
N SER A 144 1.85 -13.70 6.59
CA SER A 144 2.70 -14.37 7.56
C SER A 144 1.92 -15.47 8.28
N GLU A 145 2.62 -16.25 9.08
CA GLU A 145 1.96 -17.25 9.92
C GLU A 145 1.39 -16.53 11.14
N LEU A 146 0.07 -16.61 11.30
CA LEU A 146 -0.64 -15.80 12.28
C LEU A 146 -1.13 -16.68 13.42
N SER A 147 -0.69 -16.36 14.63
CA SER A 147 -1.24 -17.00 15.82
C SER A 147 -2.72 -16.70 15.94
N GLU A 148 -3.45 -17.59 16.60
CA GLU A 148 -4.86 -17.37 16.85
C GLU A 148 -5.10 -16.18 17.78
N GLU A 149 -4.04 -15.63 18.38
CA GLU A 149 -4.18 -14.42 19.20
C GLU A 149 -4.21 -13.17 18.33
N LEU A 150 -3.27 -13.04 17.39
CA LEU A 150 -3.24 -11.87 16.54
C LEU A 150 -4.29 -11.96 15.43
N LEU A 151 -4.58 -13.18 14.97
CA LEU A 151 -5.76 -13.41 14.13
C LEU A 151 -6.98 -12.77 14.76
N TRP A 152 -7.17 -13.01 16.05
CA TRP A 152 -8.38 -12.56 16.71
C TRP A 152 -8.35 -11.05 16.95
N GLU A 153 -7.21 -10.50 17.39
CA GLU A 153 -7.15 -9.05 17.61
C GLU A 153 -7.41 -8.28 16.31
N TYR A 154 -7.05 -8.84 15.15
CA TYR A 154 -7.31 -8.20 13.88
C TYR A 154 -8.72 -8.44 13.35
N VAL A 155 -9.37 -9.52 13.78
CA VAL A 155 -10.73 -9.84 13.35
C VAL A 155 -11.71 -8.81 13.87
N HIS A 156 -11.38 -8.46 15.12
CA HIS A 156 -11.99 -7.57 16.11
C HIS A 156 -11.81 -6.13 15.85
N SER A 157 -10.92 -5.85 14.92
CA SER A 157 -10.53 -4.48 14.65
C SER A 157 -11.52 -3.73 13.79
N GLY A 158 -12.60 -4.41 13.40
CA GLY A 158 -13.51 -3.76 12.49
C GLY A 158 -13.00 -3.64 11.08
N GLU A 159 -11.68 -3.76 10.89
CA GLU A 159 -11.09 -3.69 9.56
C GLU A 159 -11.63 -4.72 8.59
N PRO A 160 -11.74 -6.02 8.93
CA PRO A 160 -12.04 -7.02 7.91
C PRO A 160 -13.42 -6.94 7.31
N MET A 161 -14.31 -6.07 7.81
CA MET A 161 -15.73 -6.23 7.58
C MET A 161 -16.11 -6.05 6.12
N ASP A 162 -15.67 -4.96 5.50
CA ASP A 162 -16.04 -4.68 4.12
C ASP A 162 -14.85 -4.76 3.18
N LYS A 163 -13.85 -5.54 3.54
CA LYS A 163 -12.70 -5.81 2.67
C LYS A 163 -12.80 -7.25 2.15
N ALA A 164 -12.33 -7.44 0.92
CA ALA A 164 -12.32 -8.76 0.32
C ALA A 164 -11.29 -9.64 1.04
N GLY A 165 -11.75 -10.79 1.53
CA GLY A 165 -10.91 -11.65 2.33
C GLY A 165 -10.77 -11.26 3.78
N GLY A 166 -11.28 -10.10 4.17
CA GLY A 166 -11.23 -9.69 5.56
C GLY A 166 -9.90 -9.09 6.00
N TYR A 167 -9.31 -8.24 5.18
CA TYR A 167 -8.01 -7.66 5.51
C TYR A 167 -7.70 -6.52 4.54
N GLY A 168 -6.85 -5.61 4.99
CA GLY A 168 -6.25 -4.62 4.13
C GLY A 168 -4.74 -4.67 4.23
N ILE A 169 -4.08 -3.98 3.30
CA ILE A 169 -2.63 -3.94 3.28
C ILE A 169 -2.06 -2.68 3.94
N GLN A 170 -2.91 -1.72 4.25
CA GLN A 170 -2.53 -0.58 5.08
C GLN A 170 -3.02 -0.83 6.51
N ALA A 171 -2.70 0.11 7.39
CA ALA A 171 -3.23 0.14 8.78
C ALA A 171 -2.85 -1.16 9.47
N LEU A 172 -3.79 -1.85 10.13
CA LEU A 172 -3.47 -3.02 10.94
C LEU A 172 -3.10 -4.26 10.13
N GLY A 173 -3.51 -4.31 8.85
CA GLY A 173 -3.18 -5.46 8.03
C GLY A 173 -1.71 -5.58 7.69
N GLY A 174 -0.94 -4.50 7.86
CA GLY A 174 0.49 -4.56 7.63
C GLY A 174 1.21 -5.54 8.54
N MET A 175 0.62 -5.86 9.69
CA MET A 175 1.15 -6.92 10.54
C MET A 175 0.82 -8.31 10.03
N LEU A 176 -0.13 -8.41 9.09
CA LEU A 176 -0.48 -9.68 8.45
C LEU A 176 0.23 -9.87 7.13
N VAL A 177 0.18 -8.87 6.26
CA VAL A 177 0.69 -8.99 4.90
C VAL A 177 2.21 -8.98 4.93
N GLU A 178 2.82 -10.07 4.46
CA GLU A 178 4.27 -10.20 4.41
C GLU A 178 4.86 -9.60 3.14
N SER A 179 4.19 -9.77 2.01
CA SER A 179 4.67 -9.17 0.76
C SER A 179 3.51 -9.07 -0.22
N VAL A 180 3.71 -8.23 -1.23
CA VAL A 180 2.75 -8.01 -2.30
C VAL A 180 3.49 -8.17 -3.62
N HIS A 181 2.86 -8.84 -4.58
CA HIS A 181 3.49 -9.12 -5.87
C HIS A 181 2.51 -8.73 -6.98
N GLY A 182 2.76 -7.59 -7.61
CA GLY A 182 1.89 -7.07 -8.64
C GLY A 182 1.47 -5.63 -8.36
N ASP A 183 0.28 -5.26 -8.82
CA ASP A 183 -0.24 -3.92 -8.63
C ASP A 183 -0.87 -3.82 -7.25
N PHE A 184 -0.33 -2.93 -6.40
CA PHE A 184 -0.82 -2.85 -5.02
C PHE A 184 -2.16 -2.13 -4.93
N LEU A 185 -2.41 -1.14 -5.79
CA LEU A 185 -3.71 -0.48 -5.80
C LEU A 185 -4.83 -1.45 -6.13
N ASN A 186 -4.52 -2.51 -6.89
CA ASN A 186 -5.48 -3.57 -7.15
C ASN A 186 -5.92 -4.24 -5.85
N VAL A 187 -5.03 -4.33 -4.86
CA VAL A 187 -5.39 -4.95 -3.59
C VAL A 187 -6.28 -4.02 -2.78
N VAL A 188 -6.00 -2.71 -2.81
CA VAL A 188 -6.84 -1.75 -2.11
C VAL A 188 -8.25 -1.77 -2.66
N GLY A 189 -8.41 -2.03 -3.95
CA GLY A 189 -9.75 -2.19 -4.51
C GLY A 189 -9.89 -1.79 -5.97
N PHE A 190 -8.87 -1.15 -6.53
CA PHE A 190 -9.02 -0.72 -7.92
C PHE A 190 -7.69 -0.74 -8.68
N PRO A 191 -7.63 -1.45 -9.81
CA PRO A 191 -6.42 -1.44 -10.63
C PRO A 191 -6.33 -0.20 -11.49
N LEU A 192 -5.69 0.85 -10.96
CA LEU A 192 -5.72 2.16 -11.61
C LEU A 192 -4.98 2.15 -12.94
N ASN A 193 -3.77 1.59 -12.97
CA ASN A 193 -2.95 1.64 -14.18
C ASN A 193 -3.59 0.84 -15.30
N HIS A 194 -4.08 -0.38 -15.00
CA HIS A 194 -4.80 -1.15 -16.01
C HIS A 194 -6.06 -0.41 -16.45
N PHE A 195 -6.74 0.25 -15.53
CA PHE A 195 -7.92 1.03 -15.88
C PHE A 195 -7.57 2.14 -16.87
N CYS A 196 -6.39 2.74 -16.72
CA CYS A 196 -5.98 3.80 -17.64
C CYS A 196 -5.65 3.23 -19.01
N LYS A 197 -4.98 2.08 -19.06
CA LYS A 197 -4.68 1.46 -20.34
C LYS A 197 -5.95 1.06 -21.09
N GLN A 198 -6.99 0.66 -20.35
CA GLN A 198 -8.25 0.30 -20.99
C GLN A 198 -8.97 1.52 -21.56
N LEU A 199 -8.77 2.69 -20.97
CA LEU A 199 -9.42 3.89 -21.49
C LEU A 199 -8.82 4.29 -22.85
N VAL A 200 -7.49 4.32 -22.93
CA VAL A 200 -6.84 4.79 -24.15
C VAL A 200 -7.09 3.83 -25.31
N LYS A 201 -7.33 2.55 -25.03
CA LYS A 201 -7.66 1.62 -26.11
C LYS A 201 -9.09 1.78 -26.56
N LEU A 202 -10.01 2.05 -25.62
CA LEU A 202 -11.41 2.27 -25.97
C LEU A 202 -11.64 3.54 -26.76
N TYR A 203 -10.67 4.44 -26.83
CA TYR A 203 -10.83 5.72 -27.50
C TYR A 203 -9.86 5.97 -28.63
N TYR A 204 -8.63 5.46 -28.55
CA TYR A 204 -7.63 5.71 -29.58
C TYR A 204 -7.23 4.44 -30.31
N LEU B 1 7.21 -5.21 26.31
CA LEU B 1 7.37 -3.92 25.66
C LEU B 1 6.11 -3.07 25.81
N LEU B 2 5.11 -3.62 26.50
CA LEU B 2 3.84 -2.92 26.71
C LEU B 2 3.89 -1.88 27.84
N HIS B 3 4.94 -1.86 28.66
CA HIS B 3 5.08 -0.84 29.69
C HIS B 3 6.38 -0.05 29.56
N LYS B 4 6.99 -0.04 28.37
CA LYS B 4 8.27 0.62 28.16
C LYS B 4 8.07 2.00 27.54
N ARG B 5 9.18 2.73 27.40
CA ARG B 5 9.20 4.05 26.76
C ARG B 5 9.88 3.90 25.40
N VAL B 6 9.13 4.17 24.34
CA VAL B 6 9.59 3.92 22.97
C VAL B 6 9.76 5.27 22.27
N VAL B 7 10.85 5.38 21.50
CA VAL B 7 11.19 6.59 20.77
C VAL B 7 11.49 6.22 19.32
N LEU B 8 10.88 6.94 18.38
CA LEU B 8 11.19 6.81 16.97
C LEU B 8 12.20 7.88 16.59
N ALA B 9 13.38 7.46 16.12
CA ALA B 9 14.47 8.38 15.81
C ALA B 9 14.41 8.88 14.38
N SER B 10 13.25 9.37 13.95
CA SER B 10 13.07 9.84 12.58
C SER B 10 11.90 10.80 12.53
N ALA B 11 12.00 11.77 11.61
CA ALA B 11 11.00 12.82 11.47
C ALA B 11 10.04 12.58 10.32
N SER B 12 10.10 11.42 9.67
CA SER B 12 9.29 11.16 8.49
C SER B 12 7.84 10.89 8.88
N PRO B 13 6.87 11.64 8.36
CA PRO B 13 5.48 11.44 8.80
C PRO B 13 4.93 10.05 8.49
N ARG B 14 5.33 9.45 7.37
CA ARG B 14 4.81 8.12 7.04
C ARG B 14 5.31 7.06 8.02
N ARG B 15 6.53 7.22 8.51
CA ARG B 15 7.07 6.26 9.47
C ARG B 15 6.26 6.26 10.76
N GLN B 16 5.88 7.44 11.26
CA GLN B 16 5.04 7.49 12.44
C GLN B 16 3.60 7.10 12.12
N GLU B 17 3.16 7.35 10.88
CA GLU B 17 1.84 6.89 10.45
C GLU B 17 1.74 5.38 10.55
N ILE B 18 2.76 4.67 10.05
CA ILE B 18 2.71 3.21 10.00
C ILE B 18 2.70 2.61 11.40
N LEU B 19 3.52 3.15 12.31
CA LEU B 19 3.62 2.56 13.64
C LEU B 19 2.46 2.98 14.54
N SER B 20 1.97 4.22 14.39
CA SER B 20 0.78 4.63 15.12
C SER B 20 -0.42 3.81 14.71
N ASN B 21 -0.56 3.54 13.41
CA ASN B 21 -1.67 2.72 12.93
C ASN B 21 -1.55 1.27 13.37
N ALA B 22 -0.34 0.82 13.75
CA ALA B 22 -0.15 -0.54 14.23
C ALA B 22 -0.49 -0.68 15.70
N GLY B 23 -0.70 0.42 16.42
CA GLY B 23 -0.99 0.37 17.84
C GLY B 23 0.18 0.67 18.75
N LEU B 24 1.32 1.08 18.21
CA LEU B 24 2.50 1.37 19.00
C LEU B 24 2.46 2.82 19.48
N ARG B 25 2.60 3.02 20.78
CA ARG B 25 2.71 4.35 21.37
C ARG B 25 4.17 4.68 21.60
N PHE B 26 4.60 5.85 21.12
CA PHE B 26 6.01 6.17 21.03
C PHE B 26 6.16 7.69 20.94
N GLU B 27 7.38 8.15 21.14
CA GLU B 27 7.73 9.54 20.93
C GLU B 27 8.53 9.68 19.63
N VAL B 28 8.41 10.84 19.00
CA VAL B 28 9.17 11.16 17.80
C VAL B 28 10.30 12.09 18.21
N VAL B 29 11.54 11.60 18.12
CA VAL B 29 12.72 12.43 18.36
C VAL B 29 13.61 12.30 17.15
N PRO B 30 13.58 13.26 16.22
CA PRO B 30 14.43 13.17 15.02
C PRO B 30 15.91 13.09 15.42
N SER B 31 16.64 12.24 14.71
CA SER B 31 18.06 12.13 14.94
C SER B 31 18.80 13.29 14.27
N LYS B 32 19.91 13.69 14.89
CA LYS B 32 20.77 14.72 14.32
C LYS B 32 22.08 14.13 13.82
N PHE B 33 22.17 12.81 13.72
CA PHE B 33 23.24 12.16 12.97
C PHE B 33 22.85 12.19 11.49
N LYS B 34 23.71 12.76 10.66
CA LYS B 34 23.38 12.94 9.26
C LYS B 34 23.93 11.79 8.45
N GLU B 35 23.17 11.39 7.42
CA GLU B 35 23.49 10.22 6.63
C GLU B 35 24.72 10.47 5.77
N LYS B 36 25.87 10.62 6.41
CA LYS B 36 27.13 10.95 5.74
C LYS B 36 28.08 9.76 5.65
N LEU B 37 27.61 8.56 5.92
CA LEU B 37 28.47 7.38 5.95
C LEU B 37 29.10 7.14 4.57
N ASP B 38 30.30 6.57 4.58
CA ASP B 38 31.04 6.29 3.35
C ASP B 38 30.46 5.05 2.68
N LYS B 39 29.78 5.26 1.55
CA LYS B 39 29.16 4.13 0.85
C LYS B 39 30.21 3.11 0.40
N ALA B 40 31.35 3.60 -0.10
CA ALA B 40 32.42 2.72 -0.57
C ALA B 40 32.98 1.84 0.53
N SER B 41 32.66 2.11 1.79
CA SER B 41 33.14 1.32 2.91
C SER B 41 32.26 0.10 3.19
N PHE B 42 31.18 -0.10 2.44
CA PHE B 42 30.27 -1.21 2.65
C PHE B 42 30.28 -2.11 1.42
N ALA B 43 30.00 -3.40 1.64
CA ALA B 43 29.91 -4.33 0.52
C ALA B 43 28.54 -4.29 -0.13
N THR B 44 27.50 -3.98 0.63
CA THR B 44 26.13 -4.06 0.15
C THR B 44 25.38 -2.78 0.45
N PRO B 45 24.41 -2.42 -0.39
CA PRO B 45 23.57 -1.25 -0.07
C PRO B 45 22.79 -1.40 1.21
N TYR B 46 22.36 -2.62 1.56
CA TYR B 46 21.58 -2.80 2.78
C TYR B 46 22.45 -2.72 4.03
N GLY B 47 23.74 -3.08 3.92
CA GLY B 47 24.65 -2.83 5.02
C GLY B 47 24.79 -1.35 5.32
N TYR B 48 24.85 -0.53 4.27
CA TYR B 48 24.94 0.92 4.45
C TYR B 48 23.69 1.46 5.14
N ALA B 49 22.51 1.03 4.70
CA ALA B 49 21.28 1.53 5.28
C ALA B 49 21.13 1.11 6.74
N MET B 50 21.51 -0.13 7.06
CA MET B 50 21.36 -0.62 8.43
C MET B 50 22.29 0.12 9.38
N GLU B 51 23.54 0.31 8.99
CA GLU B 51 24.47 1.05 9.83
C GLU B 51 24.05 2.51 9.98
N THR B 52 23.55 3.10 8.89
CA THR B 52 23.01 4.46 8.97
C THR B 52 21.81 4.51 9.91
N ALA B 53 20.93 3.52 9.84
CA ALA B 53 19.85 3.43 10.82
C ALA B 53 20.38 3.24 12.23
N LYS B 54 21.51 2.53 12.37
CA LYS B 54 22.07 2.27 13.68
C LYS B 54 22.58 3.54 14.34
N GLN B 55 23.44 4.29 13.63
CA GLN B 55 24.02 5.49 14.21
C GLN B 55 22.98 6.56 14.48
N LYS B 56 21.96 6.66 13.63
CA LYS B 56 20.91 7.66 13.86
C LYS B 56 20.13 7.35 15.14
N ALA B 57 19.86 6.07 15.40
CA ALA B 57 19.19 5.72 16.64
C ALA B 57 20.12 5.87 17.84
N LEU B 58 21.40 5.53 17.67
CA LEU B 58 22.36 5.67 18.78
C LEU B 58 22.56 7.12 19.17
N GLU B 59 22.45 8.05 18.21
CA GLU B 59 22.57 9.45 18.54
C GLU B 59 21.42 9.92 19.42
N VAL B 60 20.19 9.52 19.09
CA VAL B 60 19.03 9.89 19.90
C VAL B 60 19.13 9.28 21.29
N ALA B 61 19.55 8.01 21.36
CA ALA B 61 19.71 7.36 22.66
C ALA B 61 20.67 8.13 23.54
N ASN B 62 21.85 8.46 23.01
CA ASN B 62 22.81 9.24 23.79
C ASN B 62 22.25 10.62 24.13
N ARG B 63 21.63 11.29 23.16
CA ARG B 63 21.09 12.62 23.44
C ARG B 63 20.00 12.54 24.51
N LEU B 64 19.07 11.59 24.38
CA LEU B 64 18.05 11.50 25.42
C LEU B 64 18.68 11.18 26.77
N TYR B 65 19.70 10.32 26.79
CA TYR B 65 20.32 9.95 28.07
C TYR B 65 21.10 11.11 28.68
N GLN B 66 21.94 11.78 27.89
CA GLN B 66 22.75 12.84 28.46
C GLN B 66 21.90 13.99 28.99
N LYS B 67 20.66 14.11 28.52
CA LYS B 67 19.79 15.19 28.99
C LYS B 67 19.14 14.84 30.31
N ASP B 68 18.62 13.62 30.42
CA ASP B 68 17.84 13.22 31.57
C ASP B 68 18.55 12.19 32.45
N LEU B 69 19.62 11.59 31.94
CA LEU B 69 20.36 10.54 32.66
C LEU B 69 19.43 9.41 33.10
N ARG B 70 18.36 9.22 32.34
CA ARG B 70 17.52 8.03 32.41
C ARG B 70 17.22 7.62 30.98
N ALA B 71 17.45 6.37 30.69
CA ALA B 71 17.41 5.98 29.29
C ALA B 71 15.97 5.78 28.82
N PRO B 72 15.63 6.25 27.61
CA PRO B 72 14.45 5.72 26.93
C PRO B 72 14.65 4.22 26.72
N ASP B 73 13.58 3.45 26.95
CA ASP B 73 13.74 2.00 26.98
C ASP B 73 14.14 1.46 25.60
N VAL B 74 13.55 1.98 24.52
CA VAL B 74 13.81 1.48 23.18
C VAL B 74 13.81 2.64 22.21
N VAL B 75 14.84 2.72 21.37
CA VAL B 75 14.94 3.72 20.31
C VAL B 75 14.96 2.98 18.97
N ILE B 76 14.11 3.41 18.04
CA ILE B 76 14.00 2.81 16.72
C ILE B 76 14.57 3.78 15.70
N GLY B 77 15.54 3.30 14.92
CA GLY B 77 16.09 4.07 13.81
C GLY B 77 15.85 3.34 12.50
N ALA B 78 15.76 4.12 11.42
CA ALA B 78 15.52 3.56 10.10
C ALA B 78 16.14 4.44 9.04
N ASP B 79 16.54 3.82 7.93
CA ASP B 79 17.07 4.54 6.77
C ASP B 79 16.60 3.82 5.51
N THR B 80 15.83 4.53 4.69
CA THR B 80 15.32 4.00 3.44
C THR B 80 16.17 4.51 2.28
N ILE B 81 16.63 3.59 1.44
CA ILE B 81 17.42 3.95 0.26
C ILE B 81 16.83 3.25 -0.95
N VAL B 82 17.17 3.78 -2.12
CA VAL B 82 16.75 3.23 -3.40
C VAL B 82 18.00 2.91 -4.22
N THR B 83 18.01 1.73 -4.85
CA THR B 83 19.08 1.35 -5.77
C THR B 83 18.47 1.06 -7.14
N VAL B 84 19.03 1.69 -8.17
CA VAL B 84 18.64 1.44 -9.56
C VAL B 84 19.91 1.16 -10.34
N GLY B 85 20.06 -0.08 -10.81
CA GLY B 85 21.28 -0.46 -11.52
C GLY B 85 22.53 -0.31 -10.69
N GLY B 86 22.44 -0.58 -9.39
CA GLY B 86 23.58 -0.51 -8.50
C GLY B 86 23.80 0.85 -7.85
N LEU B 87 23.30 1.92 -8.45
CA LEU B 87 23.49 3.26 -7.90
C LEU B 87 22.54 3.50 -6.73
N ILE B 88 23.05 4.09 -5.67
CA ILE B 88 22.26 4.37 -4.47
C ILE B 88 21.64 5.75 -4.59
N LEU B 89 20.32 5.81 -4.44
CA LEU B 89 19.58 7.06 -4.40
C LEU B 89 19.03 7.28 -3.00
N GLU B 90 19.26 8.47 -2.45
CA GLU B 90 18.71 8.81 -1.14
C GLU B 90 17.81 10.03 -1.26
N LYS B 91 17.66 10.78 -0.18
CA LYS B 91 16.82 11.97 -0.22
C LYS B 91 17.46 13.02 -1.13
N PRO B 92 16.67 13.69 -1.97
CA PRO B 92 17.23 14.67 -2.89
C PRO B 92 17.57 15.99 -2.20
N VAL B 93 18.46 16.74 -2.85
CA VAL B 93 18.97 17.98 -2.24
C VAL B 93 18.20 19.20 -2.73
N ASP B 94 17.76 19.22 -3.98
CA ASP B 94 16.89 20.29 -4.47
C ASP B 94 16.03 19.72 -5.60
N LYS B 95 15.17 20.58 -6.15
CA LYS B 95 14.12 20.11 -7.05
C LYS B 95 14.69 19.47 -8.31
N GLN B 96 15.76 20.04 -8.86
CA GLN B 96 16.36 19.44 -10.05
C GLN B 96 17.01 18.09 -9.73
N ASP B 97 17.47 17.90 -8.50
CA ASP B 97 18.03 16.61 -8.12
C ASP B 97 16.93 15.55 -8.03
N ALA B 98 15.82 15.86 -7.38
CA ALA B 98 14.69 14.94 -7.35
C ALA B 98 14.14 14.71 -8.76
N TYR B 99 14.16 15.74 -9.61
CA TYR B 99 13.74 15.58 -10.99
C TYR B 99 14.58 14.51 -11.69
N ARG B 100 15.86 14.56 -11.42
CA ARG B 100 16.79 13.62 -11.96
C ARG B 100 16.57 12.17 -11.51
N MET B 101 16.22 11.95 -10.26
CA MET B 101 16.05 10.61 -9.74
C MET B 101 14.78 10.00 -10.30
N LEU B 102 13.75 10.81 -10.50
CA LEU B 102 12.51 10.31 -11.06
C LEU B 102 12.70 9.87 -12.51
N SER B 103 13.42 10.66 -13.31
CA SER B 103 13.63 10.33 -14.71
C SER B 103 14.57 9.16 -14.92
N ARG B 104 15.42 8.85 -13.93
CA ARG B 104 16.21 7.64 -14.01
C ARG B 104 15.40 6.41 -13.58
N LEU B 105 14.47 6.59 -12.64
CA LEU B 105 13.58 5.53 -12.22
C LEU B 105 12.37 5.35 -13.13
N SER B 106 12.17 6.26 -14.08
CA SER B 106 10.97 6.24 -14.91
C SER B 106 10.98 5.04 -15.84
N GLY B 107 9.93 4.23 -15.76
CA GLY B 107 9.72 3.14 -16.69
C GLY B 107 10.48 1.87 -16.41
N ARG B 108 11.38 1.86 -15.44
CA ARG B 108 12.17 0.67 -15.13
C ARG B 108 11.95 0.28 -13.67
N GLU B 109 12.68 -0.74 -13.24
CA GLU B 109 12.55 -1.29 -11.91
C GLU B 109 13.72 -0.85 -11.04
N HIS B 110 13.44 -0.63 -9.75
CA HIS B 110 14.47 -0.34 -8.77
C HIS B 110 14.19 -1.15 -7.51
N SER B 111 15.13 -1.09 -6.57
CA SER B 111 15.01 -1.78 -5.30
C SER B 111 14.90 -0.77 -4.17
N VAL B 112 14.09 -1.09 -3.17
CA VAL B 112 13.92 -0.26 -1.99
C VAL B 112 14.42 -1.04 -0.78
N PHE B 113 15.45 -0.52 -0.13
CA PHE B 113 16.00 -1.12 1.08
C PHE B 113 15.71 -0.19 2.26
N THR B 114 15.17 -0.76 3.33
CA THR B 114 15.01 -0.04 4.59
C THR B 114 15.69 -0.83 5.69
N GLY B 115 16.83 -0.33 6.17
CA GLY B 115 17.45 -0.90 7.35
C GLY B 115 16.82 -0.31 8.60
N VAL B 116 16.63 -1.17 9.60
CA VAL B 116 16.01 -0.78 10.86
C VAL B 116 16.92 -1.22 12.00
N ALA B 117 17.12 -0.33 12.97
CA ALA B 117 17.89 -0.64 14.18
C ALA B 117 16.97 -0.48 15.38
N ILE B 118 16.87 -1.54 16.19
CA ILE B 118 16.15 -1.51 17.44
C ILE B 118 17.18 -1.49 18.56
N VAL B 119 17.18 -0.41 19.34
CA VAL B 119 18.20 -0.18 20.37
C VAL B 119 17.54 -0.36 21.72
N HIS B 120 17.82 -1.48 22.38
CA HIS B 120 17.42 -1.68 23.76
C HIS B 120 18.39 -0.95 24.68
N CYS B 121 17.86 -0.13 25.58
CA CYS B 121 18.67 0.67 26.47
C CYS B 121 18.43 0.30 27.92
N SER B 122 19.41 0.60 28.75
CA SER B 122 19.30 0.50 30.20
C SER B 122 20.23 1.53 30.81
N SER B 123 19.81 2.13 31.92
CA SER B 123 20.55 3.18 32.60
C SER B 123 20.70 2.87 34.07
N LYS B 124 20.88 1.59 34.40
CA LYS B 124 20.75 1.16 35.78
C LYS B 124 21.98 1.53 36.60
N ASP B 125 23.17 1.26 36.07
CA ASP B 125 24.41 1.62 36.77
C ASP B 125 24.90 3.02 36.40
N HIS B 126 23.98 3.97 36.26
CA HIS B 126 24.30 5.37 35.99
C HIS B 126 25.13 5.53 34.71
N GLN B 127 24.71 4.82 33.67
CA GLN B 127 25.37 4.91 32.37
C GLN B 127 24.43 4.35 31.31
N LEU B 128 24.53 4.88 30.10
CA LEU B 128 23.75 4.38 28.98
C LEU B 128 24.41 3.11 28.45
N ASP B 129 23.68 1.99 28.54
CA ASP B 129 24.14 0.71 28.03
C ASP B 129 23.16 0.22 26.98
N THR B 130 23.67 -0.09 25.78
CA THR B 130 22.82 -0.34 24.63
C THR B 130 23.03 -1.75 24.08
N ARG B 131 21.97 -2.27 23.46
CA ARG B 131 21.99 -3.57 22.79
C ARG B 131 21.09 -3.44 21.57
N VAL B 132 21.68 -3.51 20.38
CA VAL B 132 21.01 -3.12 19.15
C VAL B 132 20.79 -4.33 18.26
N SER B 133 19.60 -4.42 17.67
CA SER B 133 19.25 -5.47 16.72
C SER B 133 19.00 -4.83 15.36
N GLU B 134 19.77 -5.26 14.37
CA GLU B 134 19.69 -4.73 13.01
C GLU B 134 18.98 -5.72 12.09
N PHE B 135 18.27 -5.16 11.11
CA PHE B 135 17.67 -5.96 10.04
C PHE B 135 17.28 -5.01 8.91
N TYR B 136 16.93 -5.60 7.76
CA TYR B 136 16.55 -4.80 6.60
C TYR B 136 15.48 -5.53 5.81
N GLU B 137 14.86 -4.78 4.89
CA GLU B 137 13.81 -5.30 4.03
C GLU B 137 14.01 -4.76 2.62
N GLU B 138 13.80 -5.62 1.62
CA GLU B 138 13.97 -5.26 0.21
C GLU B 138 12.65 -5.43 -0.52
N THR B 139 12.28 -4.43 -1.29
CA THR B 139 11.11 -4.49 -2.16
C THR B 139 11.47 -3.97 -3.54
N LYS B 140 11.16 -4.75 -4.57
CA LYS B 140 11.36 -4.33 -5.94
C LYS B 140 10.14 -3.55 -6.42
N VAL B 141 10.40 -2.41 -7.06
CA VAL B 141 9.36 -1.48 -7.47
C VAL B 141 9.58 -1.12 -8.94
N LYS B 142 8.53 -1.16 -9.73
CA LYS B 142 8.59 -0.78 -11.13
C LYS B 142 7.74 0.47 -11.36
N PHE B 143 8.30 1.45 -12.05
CA PHE B 143 7.62 2.70 -12.33
C PHE B 143 7.03 2.69 -13.74
N SER B 144 5.98 3.49 -13.93
CA SER B 144 5.43 3.70 -15.25
C SER B 144 6.32 4.67 -16.04
N GLU B 145 6.19 4.62 -17.35
CA GLU B 145 6.81 5.62 -18.23
C GLU B 145 5.86 6.80 -18.32
N LEU B 146 5.96 7.72 -17.37
CA LEU B 146 5.04 8.83 -17.28
C LEU B 146 5.60 10.05 -17.99
N SER B 147 4.70 10.91 -18.46
CA SER B 147 5.07 12.10 -19.19
C SER B 147 5.96 13.00 -18.33
N GLU B 148 6.66 13.91 -19.01
CA GLU B 148 7.67 14.73 -18.37
C GLU B 148 7.05 15.94 -17.68
N GLU B 149 6.10 16.59 -18.35
CA GLU B 149 5.31 17.65 -17.73
C GLU B 149 4.74 17.17 -16.40
N LEU B 150 4.38 15.88 -16.32
CA LEU B 150 3.83 15.32 -15.10
C LEU B 150 4.90 15.11 -14.04
N LEU B 151 6.11 14.71 -14.45
CA LEU B 151 7.18 14.49 -13.48
C LEU B 151 7.66 15.81 -12.88
N TRP B 152 7.81 16.85 -13.70
CA TRP B 152 8.20 18.15 -13.15
C TRP B 152 7.08 18.79 -12.34
N GLU B 153 5.82 18.48 -12.68
CA GLU B 153 4.72 18.94 -11.84
C GLU B 153 4.70 18.19 -10.51
N TYR B 154 5.14 16.93 -10.51
CA TYR B 154 5.35 16.24 -9.24
C TYR B 154 6.57 16.77 -8.50
N VAL B 155 7.53 17.35 -9.23
CA VAL B 155 8.73 17.86 -8.58
C VAL B 155 8.45 19.21 -7.93
N HIS B 156 7.75 20.10 -8.65
CA HIS B 156 7.35 21.37 -8.07
C HIS B 156 6.27 21.20 -7.01
N SER B 157 5.80 19.98 -6.78
CA SER B 157 4.89 19.67 -5.68
C SER B 157 5.52 19.81 -4.32
N GLY B 158 6.85 19.77 -4.23
CA GLY B 158 7.52 19.61 -2.95
C GLY B 158 7.47 18.20 -2.39
N GLU B 159 6.68 17.31 -2.99
CA GLU B 159 6.54 15.96 -2.47
C GLU B 159 7.83 15.14 -2.49
N PRO B 160 8.65 15.16 -3.54
CA PRO B 160 9.84 14.28 -3.55
C PRO B 160 10.88 14.60 -2.49
N MET B 161 10.82 15.78 -1.87
CA MET B 161 11.99 16.32 -1.18
C MET B 161 12.37 15.52 0.07
N ASP B 162 11.40 14.94 0.77
CA ASP B 162 11.67 14.27 2.03
C ASP B 162 11.70 12.75 1.90
N LYS B 163 11.80 12.21 0.69
CA LYS B 163 11.63 10.79 0.46
C LYS B 163 12.80 10.23 -0.34
N ALA B 164 13.14 8.98 -0.05
CA ALA B 164 14.20 8.29 -0.78
C ALA B 164 13.77 8.07 -2.23
N GLY B 165 14.67 8.36 -3.16
CA GLY B 165 14.34 8.29 -4.56
C GLY B 165 13.45 9.40 -5.07
N GLY B 166 13.05 10.33 -4.21
CA GLY B 166 12.21 11.44 -4.63
C GLY B 166 10.80 11.06 -4.99
N TYR B 167 10.20 10.14 -4.23
CA TYR B 167 8.83 9.74 -4.52
C TYR B 167 8.20 9.14 -3.27
N GLY B 168 6.92 9.43 -3.07
CA GLY B 168 6.08 8.63 -2.21
C GLY B 168 5.27 7.67 -3.05
N ILE B 169 4.59 6.74 -2.37
CA ILE B 169 3.84 5.73 -3.10
C ILE B 169 2.55 6.29 -3.68
N GLN B 170 2.02 7.39 -3.14
CA GLN B 170 0.85 8.06 -3.71
C GLN B 170 1.23 9.06 -4.80
N ALA B 171 2.45 8.95 -5.34
CA ALA B 171 2.93 9.94 -6.29
C ALA B 171 2.10 9.93 -7.57
N LEU B 172 1.77 11.14 -8.06
CA LEU B 172 1.06 11.33 -9.32
C LEU B 172 -0.24 10.53 -9.33
N GLY B 173 -1.03 10.71 -8.27
CA GLY B 173 -2.32 10.05 -8.17
C GLY B 173 -2.23 8.54 -8.08
N GLY B 174 -1.09 7.99 -7.66
CA GLY B 174 -0.90 6.56 -7.64
C GLY B 174 -0.55 5.95 -8.98
N MET B 175 -0.17 6.77 -9.96
CA MET B 175 0.16 6.27 -11.28
C MET B 175 1.64 6.00 -11.47
N LEU B 176 2.50 6.57 -10.61
CA LEU B 176 3.94 6.38 -10.77
C LEU B 176 4.32 4.92 -10.54
N VAL B 177 3.81 4.31 -9.48
CA VAL B 177 4.14 2.92 -9.16
C VAL B 177 3.31 1.99 -10.02
N GLU B 178 3.99 1.19 -10.86
CA GLU B 178 3.30 0.23 -11.69
C GLU B 178 3.03 -1.06 -10.92
N SER B 179 4.08 -1.67 -10.35
CA SER B 179 3.91 -2.91 -9.61
C SER B 179 4.90 -2.94 -8.44
N VAL B 180 4.64 -3.85 -7.51
CA VAL B 180 5.44 -4.01 -6.31
C VAL B 180 5.69 -5.50 -6.10
N HIS B 181 6.94 -5.85 -5.77
CA HIS B 181 7.30 -7.23 -5.46
C HIS B 181 8.13 -7.21 -4.17
N GLY B 182 7.49 -7.58 -3.06
CA GLY B 182 8.05 -7.51 -1.73
C GLY B 182 7.09 -6.82 -0.79
N ASP B 183 7.61 -6.41 0.37
CA ASP B 183 6.78 -5.78 1.38
C ASP B 183 6.31 -4.40 0.91
N PHE B 184 5.00 -4.16 1.03
CA PHE B 184 4.44 -2.89 0.57
C PHE B 184 4.84 -1.74 1.48
N LEU B 185 4.61 -1.90 2.79
CA LEU B 185 4.95 -0.84 3.74
C LEU B 185 6.44 -0.52 3.76
N ASN B 186 7.26 -1.44 3.24
CA ASN B 186 8.69 -1.15 3.09
C ASN B 186 8.92 0.01 2.13
N VAL B 187 8.12 0.08 1.06
CA VAL B 187 8.28 1.17 0.09
C VAL B 187 7.83 2.49 0.69
N VAL B 188 6.81 2.46 1.56
CA VAL B 188 6.35 3.70 2.20
C VAL B 188 7.41 4.22 3.16
N GLY B 189 8.19 3.33 3.77
CA GLY B 189 9.33 3.79 4.56
C GLY B 189 9.61 2.99 5.82
N PHE B 190 8.84 1.94 6.09
CA PHE B 190 9.11 1.16 7.30
C PHE B 190 8.58 -0.27 7.17
N PRO B 191 9.46 -1.27 7.23
CA PRO B 191 9.00 -2.67 7.13
C PRO B 191 8.30 -3.13 8.39
N LEU B 192 7.01 -2.82 8.50
CA LEU B 192 6.29 -3.09 9.74
C LEU B 192 6.20 -4.58 10.04
N ASN B 193 5.92 -5.39 9.02
CA ASN B 193 5.80 -6.83 9.22
C ASN B 193 7.10 -7.43 9.75
N HIS B 194 8.22 -7.09 9.11
CA HIS B 194 9.52 -7.55 9.60
C HIS B 194 9.83 -6.99 10.98
N PHE B 195 9.35 -5.78 11.27
CA PHE B 195 9.63 -5.16 12.57
C PHE B 195 8.94 -5.93 13.70
N CYS B 196 7.70 -6.37 13.47
CA CYS B 196 6.97 -7.09 14.51
C CYS B 196 7.56 -8.49 14.72
N LYS B 197 7.99 -9.14 13.64
CA LYS B 197 8.68 -10.42 13.79
C LYS B 197 10.03 -10.26 14.47
N GLN B 198 10.69 -9.13 14.28
CA GLN B 198 11.95 -8.89 14.98
C GLN B 198 11.73 -8.66 16.47
N LEU B 199 10.56 -8.18 16.85
CA LEU B 199 10.28 -8.00 18.27
C LEU B 199 10.05 -9.33 18.98
N VAL B 200 9.47 -10.31 18.30
CA VAL B 200 9.17 -11.57 18.96
C VAL B 200 10.44 -12.40 19.17
N LYS B 201 11.45 -12.25 18.30
CA LYS B 201 12.72 -12.94 18.51
C LYS B 201 13.56 -12.28 19.59
N LEU B 202 13.36 -10.98 19.85
CA LEU B 202 14.10 -10.30 20.88
C LEU B 202 13.59 -10.63 22.28
N TYR B 203 12.30 -10.92 22.41
CA TYR B 203 11.68 -11.19 23.70
C TYR B 203 11.38 -12.65 23.95
N TYR B 204 10.94 -13.39 22.94
CA TYR B 204 10.58 -14.79 23.12
C TYR B 204 11.18 -15.67 22.03
CL CL C . -14.07 -20.76 -10.27
CL CL D . 0.67 -11.18 -10.32
CL CL E . 3.51 -11.70 12.18
S SO4 F . -18.99 -2.57 -4.04
O1 SO4 F . -20.30 -3.18 -4.08
O2 SO4 F . -18.47 -2.45 -5.40
O3 SO4 F . -19.09 -1.26 -3.43
O4 SO4 F . -18.07 -3.39 -3.26
CL CL G . 27.35 -0.71 -1.90
CL CL H . 28.46 -4.26 4.46
S SO4 I . 14.91 10.47 8.46
O1 SO4 I . 13.49 10.59 8.73
O2 SO4 I . 15.11 10.19 7.03
O3 SO4 I . 15.58 11.72 8.80
O4 SO4 I . 15.47 9.38 9.25
#